data_2XKF
#
_entry.id   2XKF
#
_cell.length_a   100.234
_cell.length_b   56.956
_cell.length_c   73.493
_cell.angle_alpha   90.00
_cell.angle_beta   127.88
_cell.angle_gamma   90.00
#
_symmetry.space_group_name_H-M   'C 1 2 1'
#
loop_
_entity.id
_entity.type
_entity.pdbx_description
1 polymer 'SERINE/THREONINE-PROTEIN KINASE NEK2'
2 non-polymer '1-[3-amino-6-(3,4,5-trimethoxyphenyl)pyrazin-2-yl]piperidine-4-carboxylic acid'
3 non-polymer 'CHLORIDE ION'
4 water water
#
_entity_poly.entity_id   1
_entity_poly.type   'polypeptide(L)'
_entity_poly.pdbx_seq_one_letter_code
;MPSRAEDYEVLYTIGTGSYGRCQKIRRKSDGKILVWKELDYGSMTEAEKQMLVSEVNLLRELKHPNIVRYYDRIIDRTNT
TLYIVMEYCEGGDLASVITKGTKERQYLDEEFVLRVMTQLTLALKECHRRSDGGHTVLHRDLKPANVFLDGKQNVKLGDF
GLARILNHDTSFAKTFVGTPYYMSPEQMNRMSYNEKSDIWSLGCLLYELCALMPPFTAFSQKELAGKIREGKFRRIPYRY
SDELNEIITRMLNLKDYHRPSVEEILENPLILEHHHHHH
;
_entity_poly.pdbx_strand_id   A
#
# COMPACT_ATOMS: atom_id res chain seq x y z
N SER A 3 18.06 -6.61 18.56
CA SER A 3 18.26 -8.06 18.54
C SER A 3 17.44 -8.77 19.62
N ARG A 4 17.27 -8.11 20.77
CA ARG A 4 16.45 -8.65 21.85
C ARG A 4 15.32 -7.70 22.20
N ALA A 5 14.12 -8.23 22.40
CA ALA A 5 12.95 -7.40 22.70
C ALA A 5 13.18 -6.45 23.87
N GLU A 6 14.10 -6.83 24.77
CA GLU A 6 14.40 -6.03 25.95
C GLU A 6 15.04 -4.70 25.60
N ASP A 7 15.65 -4.65 24.41
CA ASP A 7 16.31 -3.44 23.92
C ASP A 7 15.29 -2.37 23.54
N TYR A 8 14.02 -2.75 23.51
CA TYR A 8 12.95 -1.82 23.13
C TYR A 8 11.87 -1.74 24.20
N GLU A 9 11.26 -0.56 24.30
CA GLU A 9 10.12 -0.40 25.20
C GLU A 9 8.86 -0.10 24.40
N VAL A 10 7.87 -0.96 24.53
CA VAL A 10 6.57 -0.71 23.92
C VAL A 10 5.98 0.56 24.51
N LEU A 11 5.58 1.49 23.65
CA LEU A 11 4.89 2.68 24.10
C LEU A 11 3.39 2.41 24.17
N TYR A 12 2.82 1.98 23.05
CA TYR A 12 1.40 1.63 22.99
C TYR A 12 1.05 0.93 21.68
N THR A 13 -0.08 0.24 21.69
CA THR A 13 -0.55 -0.50 20.54
C THR A 13 -1.18 0.43 19.50
N ILE A 14 -0.81 0.21 18.25
CA ILE A 14 -1.40 0.96 17.15
C ILE A 14 -2.65 0.23 16.66
N GLY A 15 -2.46 -0.97 16.13
CA GLY A 15 -3.56 -1.81 15.70
C GLY A 15 -3.38 -3.26 16.13
N THR A 16 -4.49 -3.98 16.20
CA THR A 16 -4.47 -5.40 16.53
C THR A 16 -5.18 -6.20 15.45
N GLY A 20 -2.02 -10.54 14.94
CA GLY A 20 -0.93 -9.98 15.72
C GLY A 20 -1.05 -8.48 15.91
N ARG A 21 -0.42 -7.98 16.96
CA ARG A 21 -0.44 -6.55 17.28
C ARG A 21 0.66 -5.75 16.60
N CYS A 22 0.32 -4.51 16.24
CA CYS A 22 1.29 -3.55 15.77
CA CYS A 22 1.31 -3.55 15.79
C CYS A 22 1.53 -2.53 16.88
N GLN A 23 2.78 -2.27 17.20
CA GLN A 23 3.07 -1.39 18.33
C GLN A 23 4.16 -0.36 18.06
N LYS A 24 3.93 0.84 18.57
CA LYS A 24 4.95 1.88 18.57
C LYS A 24 5.95 1.58 19.67
N ILE A 25 7.23 1.62 19.33
CA ILE A 25 8.29 1.28 20.27
C ILE A 25 9.43 2.29 20.25
N ARG A 26 10.17 2.34 21.35
CA ARG A 26 11.36 3.19 21.43
C ARG A 26 12.59 2.34 21.72
N ARG A 27 13.58 2.43 20.85
CA ARG A 27 14.84 1.74 21.05
C ARG A 27 15.60 2.37 22.21
N LYS A 28 15.97 1.55 23.20
CA LYS A 28 16.62 2.06 24.41
C LYS A 28 17.98 2.70 24.17
N SER A 29 18.77 2.11 23.28
CA SER A 29 20.15 2.59 23.05
C SER A 29 20.22 4.06 22.63
N ASP A 30 19.32 4.50 21.77
CA ASP A 30 19.37 5.89 21.27
C ASP A 30 18.06 6.66 21.38
N GLY A 31 17.00 5.99 21.84
CA GLY A 31 15.69 6.62 21.93
C GLY A 31 14.92 6.65 20.62
N LYS A 32 15.44 5.94 19.62
CA LYS A 32 14.86 5.91 18.27
C LYS A 32 13.42 5.39 18.26
N ILE A 33 12.54 6.11 17.58
CA ILE A 33 11.14 5.68 17.46
C ILE A 33 10.94 4.73 16.29
N LEU A 34 10.29 3.61 16.57
CA LEU A 34 10.04 2.58 15.56
C LEU A 34 8.69 1.92 15.84
N VAL A 35 8.37 0.90 15.07
CA VAL A 35 7.26 0.03 15.41
C VAL A 35 7.71 -1.41 15.27
N TRP A 36 6.96 -2.32 15.87
CA TRP A 36 7.15 -3.72 15.53
C TRP A 36 5.81 -4.42 15.34
N LYS A 37 5.82 -5.49 14.56
CA LYS A 37 4.65 -6.30 14.34
C LYS A 37 4.83 -7.62 15.08
N GLU A 38 3.84 -7.99 15.89
CA GLU A 38 3.90 -9.22 16.65
C GLU A 38 3.32 -10.39 15.87
N LEU A 39 4.16 -11.38 15.60
CA LEU A 39 3.70 -12.61 14.95
C LEU A 39 3.82 -13.79 15.90
N ASP A 40 2.68 -14.38 16.25
CA ASP A 40 2.66 -15.53 17.14
C ASP A 40 2.74 -16.83 16.35
N TYR A 41 3.95 -17.42 16.29
CA TYR A 41 4.18 -18.63 15.52
C TYR A 41 3.96 -19.90 16.33
N GLY A 42 3.33 -19.76 17.49
CA GLY A 42 3.13 -20.88 18.40
C GLY A 42 2.28 -22.02 17.87
N SER A 43 1.34 -21.70 16.98
CA SER A 43 0.43 -22.70 16.43
C SER A 43 0.80 -23.05 14.99
N MET A 44 1.99 -22.64 14.57
CA MET A 44 2.47 -22.91 13.22
C MET A 44 3.31 -24.17 13.18
N THR A 45 3.31 -24.85 12.04
CA THR A 45 4.17 -26.01 11.84
C THR A 45 5.59 -25.56 11.51
N GLU A 46 6.51 -26.51 11.45
CA GLU A 46 7.89 -26.20 11.11
C GLU A 46 8.00 -25.81 9.65
N ALA A 47 7.16 -26.41 8.81
CA ALA A 47 7.14 -26.09 7.39
C ALA A 47 6.65 -24.67 7.17
N GLU A 48 5.71 -24.25 8.03
CA GLU A 48 5.17 -22.90 7.97
C GLU A 48 6.16 -21.89 8.53
N LYS A 49 6.97 -22.33 9.49
CA LYS A 49 7.99 -21.46 10.06
C LYS A 49 9.12 -21.26 9.06
N GLN A 50 9.51 -22.32 8.36
CA GLN A 50 10.53 -22.21 7.32
C GLN A 50 10.05 -21.23 6.26
N MET A 51 8.77 -21.31 5.93
CA MET A 51 8.14 -20.38 5.00
C MET A 51 8.28 -18.95 5.53
N LEU A 52 7.88 -18.76 6.78
CA LEU A 52 7.92 -17.45 7.42
C LEU A 52 9.32 -16.86 7.44
N VAL A 53 10.32 -17.71 7.62
CA VAL A 53 11.72 -17.28 7.61
C VAL A 53 12.10 -16.76 6.23
N SER A 54 11.69 -17.48 5.19
CA SER A 54 11.95 -17.06 3.82
C SER A 54 11.37 -15.67 3.55
N GLU A 55 10.13 -15.46 3.99
CA GLU A 55 9.45 -14.18 3.79
C GLU A 55 10.14 -13.03 4.51
N VAL A 56 10.66 -13.31 5.70
CA VAL A 56 11.27 -12.29 6.54
C VAL A 56 12.64 -11.86 6.02
N ASN A 57 13.35 -12.80 5.40
CA ASN A 57 14.62 -12.48 4.77
C ASN A 57 14.42 -11.65 3.51
N LEU A 58 13.26 -11.83 2.87
CA LEU A 58 12.91 -11.06 1.69
C LEU A 58 12.52 -9.62 2.05
N LEU A 59 11.91 -9.45 3.22
CA LEU A 59 11.55 -8.11 3.68
C LEU A 59 12.80 -7.31 4.02
N ARG A 60 13.78 -7.97 4.62
CA ARG A 60 15.01 -7.32 5.02
C ARG A 60 15.75 -6.74 3.82
N GLU A 61 15.56 -7.37 2.66
CA GLU A 61 16.26 -6.98 1.45
C GLU A 61 15.62 -5.79 0.71
N LEU A 62 14.37 -5.48 1.06
CA LEU A 62 13.66 -4.37 0.42
C LEU A 62 14.07 -3.02 0.97
N LYS A 63 14.97 -2.35 0.25
CA LYS A 63 15.41 -1.02 0.65
C LYS A 63 15.03 0.00 -0.42
N HIS A 64 14.08 0.86 -0.07
CA HIS A 64 13.57 1.85 -1.01
C HIS A 64 12.82 2.93 -0.23
N PRO A 65 13.06 4.20 -0.58
CA PRO A 65 12.42 5.31 0.14
C PRO A 65 10.89 5.17 0.19
N ASN A 66 10.31 4.50 -0.81
CA ASN A 66 8.85 4.41 -0.90
C ASN A 66 8.30 3.06 -0.49
N ILE A 67 9.11 2.30 0.25
CA ILE A 67 8.68 1.02 0.80
C ILE A 67 9.03 1.02 2.30
N VAL A 68 8.04 0.65 3.13
CA VAL A 68 8.29 0.58 4.56
C VAL A 68 9.59 -0.15 4.83
N ARG A 69 10.50 0.50 5.55
CA ARG A 69 11.81 -0.08 5.84
C ARG A 69 11.74 -1.06 7.01
N TYR A 70 12.07 -2.31 6.75
CA TYR A 70 12.06 -3.33 7.78
C TYR A 70 13.46 -3.58 8.32
N TYR A 71 13.71 -3.05 9.53
CA TYR A 71 15.03 -3.02 10.14
C TYR A 71 15.51 -4.36 10.70
N ASP A 72 14.70 -4.97 11.55
CA ASP A 72 15.16 -6.09 12.36
C ASP A 72 14.10 -7.18 12.52
N ARG A 73 14.51 -8.29 13.11
CA ARG A 73 13.59 -9.36 13.47
C ARG A 73 14.01 -9.87 14.85
N ILE A 74 13.04 -10.20 15.69
CA ILE A 74 13.33 -10.65 17.05
C ILE A 74 12.48 -11.87 17.41
N ILE A 75 13.14 -12.89 17.96
CA ILE A 75 12.43 -14.07 18.43
C ILE A 75 12.37 -14.11 19.96
N ASP A 76 11.17 -14.28 20.48
CA ASP A 76 10.97 -14.53 21.91
C ASP A 76 10.46 -15.96 22.08
N ARG A 77 11.37 -16.88 22.36
CA ARG A 77 11.07 -18.31 22.37
C ARG A 77 10.03 -18.72 23.42
N THR A 78 10.05 -18.05 24.57
CA THR A 78 9.13 -18.39 25.65
C THR A 78 7.73 -17.81 25.42
N ASN A 79 7.62 -16.92 24.45
CA ASN A 79 6.33 -16.34 24.08
C ASN A 79 5.94 -16.74 22.67
N THR A 80 6.75 -17.60 22.06
CA THR A 80 6.56 -18.01 20.66
C THR A 80 6.15 -16.82 19.79
N THR A 81 6.77 -15.67 20.04
CA THR A 81 6.42 -14.44 19.34
C THR A 81 7.58 -13.89 18.51
N LEU A 82 7.31 -13.68 17.22
CA LEU A 82 8.28 -13.05 16.33
C LEU A 82 7.96 -11.57 16.18
N TYR A 83 8.99 -10.73 16.30
CA TYR A 83 8.81 -9.29 16.18
C TYR A 83 9.53 -8.78 14.93
N ILE A 84 8.78 -8.12 14.06
CA ILE A 84 9.38 -7.46 12.91
C ILE A 84 9.48 -5.97 13.22
N VAL A 85 10.71 -5.48 13.36
CA VAL A 85 10.95 -4.07 13.66
C VAL A 85 11.08 -3.30 12.35
N MET A 86 10.35 -2.19 12.24
CA MET A 86 10.35 -1.39 11.02
C MET A 86 10.25 0.10 11.37
N GLU A 87 10.37 0.95 10.36
CA GLU A 87 10.25 2.39 10.58
C GLU A 87 8.86 2.76 11.08
N TYR A 88 8.76 3.92 11.73
CA TYR A 88 7.48 4.44 12.17
C TYR A 88 6.96 5.44 11.14
N CYS A 89 5.72 5.23 10.69
CA CYS A 89 5.08 6.14 9.74
C CYS A 89 3.96 6.92 10.44
N GLU A 90 4.30 8.09 10.97
CA GLU A 90 3.38 8.81 11.85
C GLU A 90 2.05 9.21 11.20
N GLY A 91 2.01 9.23 9.87
CA GLY A 91 0.83 9.69 9.16
C GLY A 91 -0.30 8.69 9.06
N GLY A 92 -0.03 7.43 9.43
CA GLY A 92 -1.04 6.38 9.35
C GLY A 92 -1.20 5.85 7.94
N ASP A 93 -2.33 5.21 7.67
CA ASP A 93 -2.57 4.64 6.34
C ASP A 93 -3.51 5.48 5.49
N LEU A 94 -3.64 5.12 4.22
CA LEU A 94 -4.47 5.86 3.28
C LEU A 94 -5.97 5.61 3.48
N ALA A 95 -6.32 4.41 3.93
CA ALA A 95 -7.70 4.11 4.28
C ALA A 95 -8.27 5.18 5.21
N SER A 96 -7.56 5.44 6.32
CA SER A 96 -8.03 6.41 7.31
C SER A 96 -8.10 7.81 6.72
N VAL A 97 -7.14 8.15 5.86
CA VAL A 97 -7.19 9.44 5.17
C VAL A 97 -8.49 9.55 4.37
N ILE A 98 -8.81 8.50 3.63
CA ILE A 98 -10.00 8.47 2.76
C ILE A 98 -11.30 8.53 3.56
N THR A 99 -11.37 7.76 4.63
CA THR A 99 -12.54 7.79 5.50
C THR A 99 -12.68 9.16 6.16
N LYS A 100 -11.54 9.78 6.46
CA LYS A 100 -11.53 11.14 6.98
C LYS A 100 -12.12 12.12 5.96
N GLY A 101 -11.79 11.93 4.69
CA GLY A 101 -12.31 12.78 3.63
C GLY A 101 -13.82 12.67 3.51
N THR A 102 -14.34 11.45 3.60
CA THR A 102 -15.77 11.19 3.54
C THR A 102 -16.52 11.96 4.62
N LYS A 103 -16.09 11.79 5.86
CA LYS A 103 -16.71 12.45 7.01
C LYS A 103 -16.63 13.97 6.91
N GLU A 104 -15.42 14.48 6.65
CA GLU A 104 -15.19 15.92 6.55
C GLU A 104 -15.94 16.53 5.36
N ARG A 105 -16.50 15.67 4.51
CA ARG A 105 -17.13 16.13 3.27
C ARG A 105 -16.13 16.96 2.46
N GLN A 106 -14.87 16.52 2.45
CA GLN A 106 -13.79 17.30 1.85
C GLN A 106 -12.85 16.45 0.98
N TYR A 107 -12.74 16.82 -0.29
CA TYR A 107 -11.85 16.12 -1.20
C TYR A 107 -10.38 16.42 -0.91
N LEU A 108 -9.52 15.45 -1.20
CA LEU A 108 -8.07 15.61 -1.01
C LEU A 108 -7.46 16.46 -2.12
N ASP A 109 -6.42 17.21 -1.77
CA ASP A 109 -5.71 18.03 -2.75
C ASP A 109 -5.16 17.21 -3.91
N GLU A 110 -5.23 17.75 -5.12
CA GLU A 110 -4.61 17.11 -6.27
C GLU A 110 -3.10 16.89 -6.04
N GLU A 111 -2.44 17.86 -5.40
CA GLU A 111 -1.02 17.75 -5.07
C GLU A 111 -0.73 16.48 -4.28
N PHE A 112 -1.62 16.15 -3.36
CA PHE A 112 -1.49 14.94 -2.55
C PHE A 112 -1.67 13.69 -3.39
N VAL A 113 -2.65 13.72 -4.27
CA VAL A 113 -2.89 12.58 -5.16
C VAL A 113 -1.68 12.37 -6.06
N LEU A 114 -1.09 13.48 -6.52
CA LEU A 114 0.10 13.39 -7.37
C LEU A 114 1.28 12.78 -6.63
N ARG A 115 1.41 13.11 -5.35
CA ARG A 115 2.45 12.51 -4.51
C ARG A 115 2.28 11.00 -4.38
N VAL A 116 1.06 10.58 -4.08
CA VAL A 116 0.77 9.16 -3.94
C VAL A 116 1.04 8.43 -5.25
N MET A 117 0.53 8.99 -6.35
CA MET A 117 0.74 8.40 -7.66
C MET A 117 2.24 8.23 -7.96
N THR A 118 3.00 9.29 -7.74
CA THR A 118 4.43 9.28 -8.03
C THR A 118 5.20 8.26 -7.19
N GLN A 119 5.00 8.33 -5.88
CA GLN A 119 5.75 7.52 -4.95
C GLN A 119 5.34 6.06 -4.93
N LEU A 120 4.05 5.80 -5.14
CA LEU A 120 3.58 4.42 -5.25
C LEU A 120 4.02 3.75 -6.55
N THR A 121 4.13 4.53 -7.62
CA THR A 121 4.57 4.01 -8.90
C THR A 121 6.03 3.58 -8.80
N LEU A 122 6.84 4.41 -8.14
CA LEU A 122 8.24 4.09 -7.92
C LEU A 122 8.40 2.88 -6.99
N ALA A 123 7.49 2.75 -6.03
CA ALA A 123 7.46 1.60 -5.16
C ALA A 123 7.21 0.33 -5.98
N LEU A 124 6.19 0.41 -6.83
CA LEU A 124 5.83 -0.68 -7.73
C LEU A 124 6.98 -1.02 -8.67
N LYS A 125 7.60 0.03 -9.21
CA LYS A 125 8.74 -0.14 -10.11
C LYS A 125 9.87 -0.93 -9.44
N GLU A 126 10.07 -0.71 -8.14
CA GLU A 126 11.10 -1.44 -7.40
C GLU A 126 10.68 -2.88 -7.16
N CYS A 127 9.40 -3.09 -6.84
CA CYS A 127 8.86 -4.44 -6.65
C CYS A 127 9.00 -5.28 -7.92
N HIS A 128 8.72 -4.68 -9.07
CA HIS A 128 8.86 -5.39 -10.33
C HIS A 128 10.33 -5.74 -10.59
N ARG A 129 11.21 -4.79 -10.32
CA ARG A 129 12.64 -5.00 -10.54
C ARG A 129 13.15 -6.20 -9.75
N ARG A 130 12.67 -6.33 -8.51
CA ARG A 130 13.09 -7.42 -7.62
C ARG A 130 12.60 -8.79 -8.07
N SER A 131 11.45 -8.84 -8.74
CA SER A 131 10.86 -10.11 -9.15
C SER A 131 11.81 -10.88 -10.09
N ARG A 140 2.84 -6.41 -3.81
CA ARG A 140 1.82 -7.06 -2.99
C ARG A 140 0.49 -6.29 -2.99
N ASP A 141 -0.38 -6.66 -2.05
CA ASP A 141 -1.72 -6.08 -1.97
C ASP A 141 -1.73 -4.54 -2.05
N LEU A 142 -2.14 -4.00 -3.18
CA LEU A 142 -2.15 -2.54 -3.35
C LEU A 142 -3.51 -1.93 -3.04
N LYS A 143 -3.76 -1.66 -1.77
CA LYS A 143 -5.00 -1.05 -1.31
C LYS A 143 -4.65 0.04 -0.32
N PRO A 144 -5.61 0.91 -0.01
CA PRO A 144 -5.35 2.05 0.88
C PRO A 144 -4.79 1.63 2.26
N ALA A 145 -5.24 0.51 2.79
CA ALA A 145 -4.81 0.08 4.12
C ALA A 145 -3.38 -0.46 4.13
N ASN A 146 -2.78 -0.58 2.95
CA ASN A 146 -1.41 -1.04 2.81
C ASN A 146 -0.48 0.07 2.34
N VAL A 147 -0.96 1.31 2.36
CA VAL A 147 -0.14 2.46 1.98
C VAL A 147 -0.02 3.42 3.15
N PHE A 148 1.20 3.78 3.49
CA PHE A 148 1.46 4.54 4.71
C PHE A 148 2.17 5.86 4.45
N LEU A 149 2.01 6.79 5.37
CA LEU A 149 2.58 8.12 5.26
C LEU A 149 3.49 8.42 6.45
N ASP A 150 4.67 8.98 6.18
CA ASP A 150 5.54 9.38 7.28
C ASP A 150 5.30 10.84 7.64
N GLY A 151 6.20 11.43 8.39
CA GLY A 151 6.04 12.80 8.85
C GLY A 151 6.55 13.85 7.89
N LYS A 152 6.91 13.45 6.68
CA LYS A 152 7.54 14.34 5.72
C LYS A 152 6.91 14.26 4.33
N GLN A 153 5.62 13.95 4.29
CA GLN A 153 4.87 13.89 3.03
C GLN A 153 5.37 12.77 2.12
N ASN A 154 5.93 11.73 2.72
CA ASN A 154 6.37 10.59 1.93
C ASN A 154 5.36 9.45 2.02
N VAL A 155 5.28 8.68 0.94
CA VAL A 155 4.29 7.64 0.80
C VAL A 155 5.01 6.32 0.68
N LYS A 156 4.60 5.34 1.49
CA LYS A 156 5.32 4.06 1.51
C LYS A 156 4.40 2.84 1.43
N LEU A 157 4.72 1.93 0.52
CA LEU A 157 4.01 0.68 0.41
C LEU A 157 4.44 -0.26 1.52
N GLY A 158 3.48 -0.89 2.18
CA GLY A 158 3.76 -1.78 3.29
C GLY A 158 2.94 -3.05 3.25
N ASP A 159 3.20 -3.94 4.19
CA ASP A 159 2.47 -5.21 4.33
C ASP A 159 2.65 -6.09 3.11
N PHE A 160 3.75 -6.83 3.08
CA PHE A 160 4.04 -7.70 1.95
C PHE A 160 3.85 -9.18 2.30
N PHE A 176 -12.19 -13.41 1.46
CA PHE A 176 -13.26 -13.82 2.35
C PHE A 176 -13.05 -13.29 3.77
N VAL A 177 -13.95 -12.42 4.22
CA VAL A 177 -15.06 -11.97 3.38
C VAL A 177 -14.70 -10.64 2.74
N GLY A 178 -15.63 -10.08 1.97
CA GLY A 178 -15.41 -8.78 1.37
C GLY A 178 -15.13 -8.82 -0.11
N THR A 179 -15.62 -7.80 -0.82
CA THR A 179 -15.49 -7.73 -2.27
C THR A 179 -14.13 -7.16 -2.70
N PRO A 180 -13.55 -7.75 -3.76
CA PRO A 180 -12.27 -7.33 -4.35
C PRO A 180 -12.42 -6.14 -5.28
N TYR A 181 -12.72 -4.97 -4.72
CA TYR A 181 -12.92 -3.76 -5.51
C TYR A 181 -11.88 -3.54 -6.61
N TYR A 182 -10.64 -3.92 -6.32
CA TYR A 182 -9.50 -3.62 -7.19
C TYR A 182 -9.11 -4.74 -8.16
N MET A 183 -9.88 -5.83 -8.17
CA MET A 183 -9.54 -7.00 -8.99
C MET A 183 -9.64 -6.73 -10.49
N SER A 184 -8.49 -6.75 -11.17
CA SER A 184 -8.43 -6.42 -12.59
C SER A 184 -9.10 -7.46 -13.47
N PRO A 185 -9.57 -7.03 -14.65
CA PRO A 185 -10.20 -7.90 -15.65
C PRO A 185 -9.37 -9.13 -15.99
N GLU A 186 -8.04 -9.02 -15.95
CA GLU A 186 -7.18 -10.18 -16.18
C GLU A 186 -7.25 -11.13 -15.01
N GLN A 187 -7.16 -10.58 -13.80
CA GLN A 187 -7.19 -11.39 -12.59
C GLN A 187 -8.54 -12.07 -12.45
N MET A 188 -9.57 -11.45 -13.03
CA MET A 188 -10.91 -12.04 -13.02
C MET A 188 -10.95 -13.32 -13.84
N ASN A 189 -10.41 -13.26 -15.04
CA ASN A 189 -10.32 -14.43 -15.90
C ASN A 189 -9.05 -15.21 -15.55
N ARG A 190 -7.91 -14.62 -15.91
CA ARG A 190 -6.57 -15.09 -15.55
C ARG A 190 -5.64 -15.07 -16.76
N SER A 192 -2.37 -12.22 -14.56
CA SER A 192 -1.61 -12.28 -13.32
C SER A 192 -1.02 -13.68 -13.14
N TYR A 193 0.28 -13.77 -12.90
CA TYR A 193 1.16 -12.61 -12.69
C TYR A 193 1.27 -11.68 -13.89
N ASN A 194 0.96 -10.40 -13.66
CA ASN A 194 0.96 -9.40 -14.72
C ASN A 194 1.23 -8.02 -14.12
N GLU A 195 2.28 -7.37 -14.58
CA GLU A 195 2.66 -6.06 -14.05
C GLU A 195 1.64 -4.96 -14.41
N LYS A 196 0.95 -5.14 -15.52
CA LYS A 196 -0.14 -4.24 -15.88
C LYS A 196 -1.34 -4.40 -14.95
N SER A 197 -1.42 -5.55 -14.28
CA SER A 197 -2.46 -5.77 -13.28
C SER A 197 -2.25 -4.86 -12.07
N ASP A 198 -0.99 -4.58 -11.76
CA ASP A 198 -0.67 -3.65 -10.69
C ASP A 198 -1.07 -2.23 -11.06
N ILE A 199 -0.91 -1.88 -12.33
CA ILE A 199 -1.29 -0.56 -12.82
C ILE A 199 -2.80 -0.32 -12.61
N TRP A 200 -3.60 -1.35 -12.86
CA TRP A 200 -5.05 -1.28 -12.67
C TRP A 200 -5.39 -1.05 -11.20
N SER A 201 -4.69 -1.77 -10.32
CA SER A 201 -4.86 -1.61 -8.88
C SER A 201 -4.51 -0.21 -8.41
N LEU A 202 -3.41 0.33 -8.93
CA LEU A 202 -3.00 1.70 -8.63
C LEU A 202 -4.06 2.69 -9.13
N GLY A 203 -4.61 2.43 -10.31
CA GLY A 203 -5.67 3.26 -10.86
C GLY A 203 -6.89 3.27 -9.96
N CYS A 204 -7.27 2.09 -9.48
CA CYS A 204 -8.38 1.96 -8.56
C CYS A 204 -8.15 2.77 -7.28
N LEU A 205 -6.92 2.67 -6.78
CA LEU A 205 -6.54 3.36 -5.54
C LEU A 205 -6.52 4.88 -5.70
N LEU A 206 -5.87 5.35 -6.75
CA LEU A 206 -5.83 6.79 -7.03
C LEU A 206 -7.22 7.32 -7.29
N TYR A 207 -8.05 6.52 -7.95
CA TYR A 207 -9.43 6.91 -8.24
C TYR A 207 -10.21 7.04 -6.92
N GLU A 208 -10.01 6.11 -6.01
CA GLU A 208 -10.73 6.17 -4.74
C GLU A 208 -10.23 7.32 -3.88
N LEU A 209 -8.96 7.67 -4.00
CA LEU A 209 -8.43 8.86 -3.32
C LEU A 209 -9.15 10.11 -3.79
N CYS A 210 -9.38 10.21 -5.10
CA CYS A 210 -10.02 11.38 -5.70
C CYS A 210 -11.52 11.44 -5.40
N ALA A 211 -12.24 10.37 -5.72
CA ALA A 211 -13.70 10.39 -5.57
C ALA A 211 -14.15 9.97 -4.18
N LEU A 212 -13.21 9.50 -3.37
CA LEU A 212 -13.52 8.98 -2.03
C LEU A 212 -14.42 7.74 -2.12
N MET A 213 -14.41 7.09 -3.27
CA MET A 213 -15.11 5.82 -3.46
C MET A 213 -14.45 5.07 -4.61
N PRO A 214 -14.56 3.73 -4.59
CA PRO A 214 -13.95 2.90 -5.64
C PRO A 214 -14.63 3.18 -6.97
N PRO A 215 -13.93 2.94 -8.10
CA PRO A 215 -14.51 3.17 -9.42
C PRO A 215 -15.68 2.22 -9.72
N PHE A 216 -15.64 1.04 -9.11
CA PHE A 216 -16.68 0.03 -9.31
C PHE A 216 -17.23 -0.44 -7.98
N THR A 217 -18.53 -0.21 -7.76
CA THR A 217 -19.18 -0.67 -6.54
C THR A 217 -20.31 -1.63 -6.86
N ALA A 218 -20.69 -2.43 -5.88
CA ALA A 218 -21.73 -3.43 -6.07
C ALA A 218 -21.97 -4.15 -4.75
N PHE A 219 -23.07 -4.90 -4.67
CA PHE A 219 -23.40 -5.61 -3.44
C PHE A 219 -22.90 -7.05 -3.43
N SER A 220 -22.68 -7.61 -4.62
CA SER A 220 -22.11 -8.96 -4.72
C SER A 220 -20.90 -8.96 -5.65
N GLN A 221 -20.03 -9.95 -5.46
CA GLN A 221 -18.82 -10.06 -6.28
C GLN A 221 -19.19 -10.37 -7.73
N LYS A 222 -20.35 -10.96 -7.94
CA LYS A 222 -20.81 -11.27 -9.29
C LYS A 222 -21.32 -10.01 -9.98
N GLU A 223 -22.02 -9.17 -9.22
CA GLU A 223 -22.46 -7.86 -9.71
C GLU A 223 -21.23 -7.00 -10.00
N LEU A 224 -20.26 -7.04 -9.08
CA LEU A 224 -19.03 -6.28 -9.23
C LEU A 224 -18.27 -6.68 -10.51
N ALA A 225 -18.13 -7.99 -10.72
CA ALA A 225 -17.44 -8.50 -11.91
C ALA A 225 -18.11 -8.00 -13.19
N GLY A 226 -19.44 -7.97 -13.19
CA GLY A 226 -20.19 -7.45 -14.31
C GLY A 226 -19.87 -6.00 -14.59
N LYS A 227 -19.77 -5.20 -13.52
CA LYS A 227 -19.45 -3.78 -13.65
C LYS A 227 -18.02 -3.57 -14.15
N ILE A 228 -17.09 -4.36 -13.62
CA ILE A 228 -15.70 -4.28 -14.00
C ILE A 228 -15.48 -4.58 -15.49
N ARG A 229 -16.25 -5.53 -16.03
CA ARG A 229 -16.10 -5.94 -17.42
C ARG A 229 -16.64 -4.91 -18.41
N GLU A 230 -17.67 -4.18 -18.00
CA GLU A 230 -18.19 -3.10 -18.83
C GLU A 230 -17.19 -1.94 -18.86
N GLY A 231 -16.34 -1.88 -17.83
CA GLY A 231 -15.27 -0.91 -17.76
C GLY A 231 -15.72 0.54 -17.64
N LYS A 232 -16.90 0.76 -17.09
CA LYS A 232 -17.45 2.12 -16.98
C LYS A 232 -17.47 2.66 -15.56
N PHE A 233 -17.20 3.96 -15.45
CA PHE A 233 -17.16 4.61 -14.16
C PHE A 233 -17.35 6.12 -14.33
N ARG A 234 -17.75 6.78 -13.25
CA ARG A 234 -17.89 8.23 -13.23
C ARG A 234 -16.52 8.90 -13.33
N ARG A 235 -16.46 10.06 -13.95
CA ARG A 235 -15.25 10.85 -13.94
C ARG A 235 -14.95 11.18 -12.48
N ILE A 236 -13.67 11.27 -12.12
CA ILE A 236 -13.31 11.76 -10.80
C ILE A 236 -13.88 13.18 -10.69
N PRO A 237 -14.07 13.68 -9.47
CA PRO A 237 -14.68 15.01 -9.30
C PRO A 237 -13.99 16.10 -10.13
N TYR A 238 -14.77 17.14 -10.48
CA TYR A 238 -14.32 18.16 -11.43
C TYR A 238 -13.24 19.10 -10.88
N ARG A 239 -13.05 19.10 -9.57
CA ARG A 239 -11.97 19.86 -8.97
C ARG A 239 -10.61 19.32 -9.45
N TYR A 240 -10.58 18.08 -9.92
CA TYR A 240 -9.34 17.47 -10.41
C TYR A 240 -9.15 17.68 -11.92
N SER A 241 -7.91 17.98 -12.29
CA SER A 241 -7.57 18.33 -13.67
C SER A 241 -7.92 17.22 -14.68
N ASP A 242 -8.17 17.62 -15.92
CA ASP A 242 -8.36 16.66 -17.01
C ASP A 242 -7.12 15.76 -17.15
N GLU A 243 -5.95 16.32 -16.85
CA GLU A 243 -4.71 15.56 -16.92
C GLU A 243 -4.66 14.44 -15.87
N LEU A 244 -5.04 14.74 -14.63
CA LEU A 244 -5.09 13.71 -13.61
C LEU A 244 -6.15 12.67 -13.98
N ASN A 245 -7.32 13.15 -14.41
CA ASN A 245 -8.39 12.24 -14.80
C ASN A 245 -7.98 11.31 -15.93
N GLU A 246 -7.20 11.83 -16.86
CA GLU A 246 -6.80 11.06 -18.02
C GLU A 246 -5.86 9.90 -17.67
N ILE A 247 -4.89 10.14 -16.79
CA ILE A 247 -3.91 9.11 -16.45
C ILE A 247 -4.54 8.00 -15.61
N ILE A 248 -5.39 8.39 -14.67
CA ILE A 248 -6.14 7.44 -13.87
C ILE A 248 -7.05 6.60 -14.77
N THR A 249 -7.69 7.25 -15.73
CA THR A 249 -8.55 6.58 -16.69
C THR A 249 -7.77 5.55 -17.52
N ARG A 250 -6.58 5.94 -18.00
CA ARG A 250 -5.70 4.99 -18.71
C ARG A 250 -5.37 3.76 -17.87
N MET A 251 -5.05 3.98 -16.59
CA MET A 251 -4.74 2.86 -15.69
C MET A 251 -5.92 1.90 -15.56
N LEU A 252 -7.13 2.42 -15.76
CA LEU A 252 -8.34 1.60 -15.65
C LEU A 252 -8.82 1.05 -17.00
N ASN A 253 -7.95 1.06 -18.00
CA ASN A 253 -8.31 0.49 -19.29
C ASN A 253 -8.57 -1.01 -19.14
N LEU A 254 -9.59 -1.50 -19.83
CA LEU A 254 -9.91 -2.92 -19.78
C LEU A 254 -8.77 -3.76 -20.34
N LYS A 255 -8.07 -3.22 -21.32
CA LYS A 255 -6.94 -3.93 -21.93
C LYS A 255 -5.66 -3.58 -21.19
N ASP A 256 -5.02 -4.59 -20.61
CA ASP A 256 -3.79 -4.38 -19.85
C ASP A 256 -2.72 -3.70 -20.69
N TYR A 257 -2.71 -3.96 -22.00
CA TYR A 257 -1.68 -3.41 -22.87
C TYR A 257 -1.95 -1.95 -23.27
N HIS A 258 -3.10 -1.42 -22.87
CA HIS A 258 -3.40 -0.01 -23.08
C HIS A 258 -3.11 0.84 -21.85
N ARG A 259 -2.91 0.18 -20.71
CA ARG A 259 -2.49 0.88 -19.51
C ARG A 259 -1.04 1.29 -19.64
N PRO A 260 -0.70 2.49 -19.12
CA PRO A 260 0.68 2.95 -19.20
C PRO A 260 1.57 2.15 -18.25
N SER A 261 2.80 1.90 -18.66
CA SER A 261 3.79 1.28 -17.80
C SER A 261 4.17 2.27 -16.70
N VAL A 262 4.90 1.79 -15.69
CA VAL A 262 5.40 2.67 -14.63
C VAL A 262 6.27 3.78 -15.23
N GLU A 263 7.02 3.45 -16.27
CA GLU A 263 7.87 4.44 -16.94
C GLU A 263 7.06 5.50 -17.68
N GLU A 264 6.00 5.07 -18.37
CA GLU A 264 5.13 6.00 -19.07
C GLU A 264 4.36 6.88 -18.08
N ILE A 265 4.06 6.32 -16.92
CA ILE A 265 3.41 7.09 -15.85
C ILE A 265 4.32 8.21 -15.36
N LEU A 266 5.56 7.85 -15.07
CA LEU A 266 6.53 8.80 -14.50
C LEU A 266 6.91 9.87 -15.52
N GLU A 267 6.74 9.57 -16.80
CA GLU A 267 7.01 10.51 -17.88
C GLU A 267 5.92 11.59 -18.00
N ASN A 268 4.80 11.39 -17.30
CA ASN A 268 3.68 12.34 -17.37
C ASN A 268 4.06 13.72 -16.85
N PRO A 269 3.73 14.78 -17.62
CA PRO A 269 4.02 16.18 -17.29
C PRO A 269 3.51 16.60 -15.92
N LEU A 270 2.52 15.88 -15.38
CA LEU A 270 2.00 16.19 -14.05
C LEU A 270 3.03 15.95 -12.94
N ILE A 271 3.90 14.97 -13.14
CA ILE A 271 4.78 14.48 -12.09
C ILE A 271 6.07 15.26 -12.02
N LEU A 272 6.27 15.97 -10.90
CA LEU A 272 7.44 16.82 -10.71
C LEU A 272 8.28 16.38 -9.51
N GLU A 273 9.46 16.98 -9.37
CA GLU A 273 10.43 16.59 -8.34
C GLU A 273 9.82 16.58 -6.93
N HIS A 274 9.07 17.63 -6.59
CA HIS A 274 8.53 17.76 -5.23
C HIS A 274 7.46 16.71 -4.90
N HIS A 275 6.94 16.02 -5.92
CA HIS A 275 6.02 14.92 -5.71
C HIS A 275 6.75 13.66 -5.24
N HIS A 276 8.06 13.64 -5.44
CA HIS A 276 8.88 12.51 -5.03
C HIS A 276 9.19 12.59 -3.54
N HIS A 277 9.82 11.54 -3.01
CA HIS A 277 10.18 11.49 -1.60
C HIS A 277 11.26 12.51 -1.25
N HIS A 278 11.24 12.98 -0.01
CA HIS A 278 12.33 13.79 0.53
C HIS A 278 12.59 13.38 1.98
N HIS A 279 13.85 13.11 2.29
CA HIS A 279 14.27 12.75 3.64
C HIS A 279 13.98 13.86 4.67
#